data_5AUJ
#
_entry.id   5AUJ
#
_cell.length_a   88.545
_cell.length_b   88.545
_cell.length_c   62.726
_cell.angle_alpha   90.00
_cell.angle_beta   90.00
_cell.angle_gamma   120.00
#
_symmetry.space_group_name_H-M   'P 63'
#
loop_
_entity.id
_entity.type
_entity.pdbx_description
1 polymer 'DNA polymerase sliding clamp'
2 water water
#
_entity_poly.entity_id   1
_entity_poly.type   'polypeptide(L)'
_entity_poly.pdbx_seq_one_letter_code
;(MSE)PFEIVFEGAKEFAQLIDTASKLIDEAAFKVTEDGIS(MSE)RA(MSE)DPSRVVLIDLNLPSSIFSKYEVVEPET
IGVNLDHLKKILKRGKAKDTLILKKGEENFLEITIQGTATRTFRVPLIDVEE(MSE)EVDLPELPFTAKVVVLGEVLKDA
VKDASLVSDSIKFIARENEFI(MSE)KAEGETQEVEIKLTLEDEGLLDIEVQEETKSAYGVSYLSD(MSE)VKGLGKADE
VTIKFGNE(MSE)P(MSE)Q(MSE)EYYIRDEGRLTFLLAPRVEE
;
_entity_poly.pdbx_strand_id   A
#
# COMPACT_ATOMS: atom_id res chain seq x y z
N PRO A 2 -4.09 -20.45 17.53
CA PRO A 2 -4.72 -19.15 17.28
C PRO A 2 -5.34 -19.03 15.89
N PHE A 3 -4.57 -19.26 14.83
CA PHE A 3 -5.14 -19.18 13.49
C PHE A 3 -4.41 -19.99 12.42
N GLU A 4 -5.13 -20.27 11.35
CA GLU A 4 -4.58 -20.86 10.13
C GLU A 4 -5.13 -20.11 8.93
N ILE A 5 -4.25 -19.41 8.20
CA ILE A 5 -4.68 -18.55 7.11
C ILE A 5 -3.98 -18.92 5.80
N VAL A 6 -4.78 -19.15 4.75
CA VAL A 6 -4.24 -19.58 3.47
C VAL A 6 -4.52 -18.55 2.36
N PHE A 7 -3.47 -18.17 1.65
CA PHE A 7 -3.58 -17.18 0.57
C PHE A 7 -3.07 -17.75 -0.74
N GLU A 8 -3.93 -17.77 -1.76
CA GLU A 8 -3.54 -18.29 -3.07
C GLU A 8 -2.85 -17.23 -3.90
N GLY A 9 -1.62 -17.53 -4.34
CA GLY A 9 -0.81 -16.57 -5.06
C GLY A 9 0.23 -15.97 -4.14
N ALA A 10 1.23 -16.77 -3.79
CA ALA A 10 2.25 -16.36 -2.83
C ALA A 10 3.07 -15.17 -3.32
N LYS A 11 3.27 -15.08 -4.63
CA LYS A 11 4.08 -14.01 -5.20
C LYS A 11 3.41 -12.66 -5.05
N GLU A 12 2.09 -12.62 -5.22
CA GLU A 12 1.34 -11.37 -5.10
C GLU A 12 1.31 -10.89 -3.66
N PHE A 13 1.23 -11.84 -2.72
CA PHE A 13 1.26 -11.50 -1.30
C PHE A 13 2.65 -11.00 -0.92
N ALA A 14 3.66 -11.55 -1.59
CA ALA A 14 5.04 -11.12 -1.37
C ALA A 14 5.22 -9.67 -1.81
N GLN A 15 4.64 -9.34 -2.96
CA GLN A 15 4.72 -7.98 -3.49
C GLN A 15 4.02 -6.98 -2.58
N LEU A 16 2.91 -7.43 -1.98
CA LEU A 16 2.16 -6.59 -1.05
C LEU A 16 3.00 -6.23 0.17
N ILE A 17 3.66 -7.24 0.73
CA ILE A 17 4.54 -7.03 1.88
C ILE A 17 5.80 -6.27 1.44
N ASP A 18 6.23 -6.53 0.21
CA ASP A 18 7.39 -5.84 -0.35
C ASP A 18 7.12 -4.34 -0.46
N THR A 19 5.91 -3.99 -0.91
CA THR A 19 5.52 -2.59 -1.05
C THR A 19 5.55 -1.87 0.30
N ALA A 20 4.97 -2.52 1.31
CA ALA A 20 4.94 -1.95 2.65
C ALA A 20 6.33 -1.85 3.25
N SER A 21 7.18 -2.84 2.95
CA SER A 21 8.53 -2.90 3.50
C SER A 21 9.40 -1.75 3.02
N LYS A 22 8.99 -1.11 1.94
CA LYS A 22 9.74 0.02 1.39
C LYS A 22 9.48 1.30 2.20
N LEU A 23 8.49 1.24 3.09
CA LEU A 23 8.16 2.38 3.93
C LEU A 23 8.35 2.07 5.41
N ILE A 24 8.08 0.82 5.78
CA ILE A 24 8.23 0.41 7.18
C ILE A 24 9.12 -0.82 7.31
N ASP A 25 9.70 -1.00 8.49
CA ASP A 25 10.57 -2.15 8.74
C ASP A 25 9.96 -3.04 9.83
N GLU A 26 9.14 -2.43 10.68
CA GLU A 26 8.52 -3.15 11.79
C GLU A 26 7.03 -2.84 11.84
N ALA A 27 6.20 -3.87 12.00
CA ALA A 27 4.75 -3.67 12.06
C ALA A 27 4.05 -4.78 12.83
N ALA A 28 2.93 -4.42 13.45
CA ALA A 28 2.12 -5.39 14.20
C ALA A 28 0.85 -5.71 13.42
N PHE A 29 0.60 -7.00 13.22
CA PHE A 29 -0.58 -7.44 12.47
C PHE A 29 -1.65 -7.98 13.42
N LYS A 30 -2.81 -7.31 13.41
CA LYS A 30 -3.93 -7.74 14.23
C LYS A 30 -4.76 -8.77 13.48
N VAL A 31 -4.75 -10.00 13.97
CA VAL A 31 -5.48 -11.09 13.33
C VAL A 31 -6.79 -11.37 14.05
N THR A 32 -7.90 -10.99 13.42
CA THR A 32 -9.22 -11.22 14.00
C THR A 32 -10.03 -12.19 13.15
N GLU A 33 -11.28 -12.40 13.54
CA GLU A 33 -12.17 -13.30 12.84
C GLU A 33 -12.58 -12.74 11.48
N ASP A 34 -12.55 -11.42 11.35
CA ASP A 34 -13.00 -10.74 10.15
C ASP A 34 -11.89 -10.57 9.11
N GLY A 35 -10.65 -10.39 9.58
CA GLY A 35 -9.53 -10.23 8.68
C GLY A 35 -8.25 -9.80 9.37
N ILE A 36 -7.21 -9.53 8.57
CA ILE A 36 -5.93 -9.08 9.09
C ILE A 36 -5.76 -7.58 8.83
N SER A 37 -5.48 -6.83 9.89
CA SER A 37 -5.26 -5.39 9.76
C SER A 37 -3.89 -5.00 10.30
N ARG A 39 -1.49 -1.31 11.05
CA ARG A 39 -1.32 0.14 11.03
C ARG A 39 0.05 0.52 11.56
N ALA A 40 0.94 0.92 10.65
CA ALA A 40 2.30 1.28 11.04
C ALA A 40 2.71 2.63 10.45
N ASP A 42 6.08 5.10 8.94
CA ASP A 42 7.43 5.12 8.41
C ASP A 42 8.37 5.80 9.41
N PRO A 43 9.67 5.46 9.36
CA PRO A 43 10.67 6.01 10.29
C PRO A 43 10.67 7.54 10.36
N SER A 44 10.45 8.21 9.24
CA SER A 44 10.49 9.66 9.22
C SER A 44 9.17 10.27 9.71
N ARG A 45 8.22 9.42 10.06
CA ARG A 45 6.92 9.83 10.57
C ARG A 45 6.19 10.76 9.60
N VAL A 46 6.28 10.45 8.31
CA VAL A 46 5.60 11.22 7.27
C VAL A 46 4.41 10.45 6.74
N VAL A 47 4.54 9.13 6.72
CA VAL A 47 3.55 8.26 6.10
C VAL A 47 2.89 7.32 7.09
N LEU A 48 1.55 7.31 7.08
CA LEU A 48 0.79 6.35 7.86
C LEU A 48 0.21 5.28 6.93
N ILE A 49 0.55 4.03 7.18
CA ILE A 49 0.08 2.93 6.35
C ILE A 49 -1.02 2.15 7.05
N ASP A 50 -2.17 2.03 6.39
CA ASP A 50 -3.29 1.26 6.93
C ASP A 50 -3.67 0.15 5.96
N LEU A 51 -3.32 -1.08 6.33
CA LEU A 51 -3.61 -2.24 5.49
C LEU A 51 -4.75 -3.07 6.09
N ASN A 52 -5.74 -3.39 5.26
CA ASN A 52 -6.86 -4.21 5.71
C ASN A 52 -7.07 -5.40 4.78
N LEU A 53 -6.85 -6.61 5.31
CA LEU A 53 -7.01 -7.82 4.51
C LEU A 53 -8.14 -8.69 5.06
N PRO A 54 -9.35 -8.53 4.53
CA PRO A 54 -10.51 -9.31 4.99
C PRO A 54 -10.37 -10.79 4.66
N SER A 55 -11.21 -11.62 5.28
CA SER A 55 -11.14 -13.06 5.09
C SER A 55 -11.58 -13.48 3.69
N SER A 56 -12.24 -12.58 2.98
CA SER A 56 -12.77 -12.89 1.65
C SER A 56 -11.68 -13.06 0.60
N ILE A 57 -10.50 -12.50 0.85
CA ILE A 57 -9.39 -12.62 -0.10
C ILE A 57 -8.53 -13.83 0.20
N PHE A 58 -8.91 -14.60 1.21
CA PHE A 58 -8.18 -15.81 1.56
C PHE A 58 -8.98 -17.06 1.22
N SER A 59 -8.28 -18.08 0.73
CA SER A 59 -8.92 -19.34 0.35
C SER A 59 -9.46 -20.07 1.57
N LYS A 60 -8.73 -19.97 2.68
CA LYS A 60 -9.15 -20.58 3.93
C LYS A 60 -8.77 -19.67 5.09
N TYR A 61 -9.77 -19.30 5.89
CA TYR A 61 -9.55 -18.37 6.99
C TYR A 61 -10.12 -18.90 8.30
N GLU A 62 -9.24 -19.42 9.15
CA GLU A 62 -9.66 -19.99 10.42
C GLU A 62 -8.88 -19.40 11.59
N VAL A 63 -9.55 -18.56 12.38
CA VAL A 63 -8.92 -17.97 13.57
C VAL A 63 -9.58 -18.49 14.84
N VAL A 64 -8.89 -19.39 15.53
CA VAL A 64 -9.40 -19.97 16.77
C VAL A 64 -9.50 -18.90 17.86
N GLU A 65 -8.43 -18.13 18.03
CA GLU A 65 -8.40 -17.04 19.00
C GLU A 65 -7.75 -15.81 18.39
N PRO A 66 -8.34 -14.62 18.63
CA PRO A 66 -7.79 -13.36 18.12
C PRO A 66 -6.43 -13.05 18.73
N GLU A 67 -5.53 -12.46 17.96
CA GLU A 67 -4.18 -12.20 18.43
C GLU A 67 -3.46 -11.14 17.58
N THR A 68 -2.60 -10.36 18.22
CA THR A 68 -1.78 -9.38 17.52
C THR A 68 -0.32 -9.82 17.50
N ILE A 69 0.23 -9.97 16.30
CA ILE A 69 1.62 -10.40 16.17
C ILE A 69 2.49 -9.35 15.50
N GLY A 70 3.75 -9.27 15.92
CA GLY A 70 4.69 -8.33 15.34
C GLY A 70 5.79 -9.04 14.59
N VAL A 71 6.00 -8.64 13.34
CA VAL A 71 7.01 -9.28 12.50
C VAL A 71 7.98 -8.27 11.91
N ASN A 72 9.13 -8.76 11.45
CA ASN A 72 10.06 -7.94 10.69
C ASN A 72 9.75 -8.08 9.20
N LEU A 73 9.24 -7.01 8.61
CA LEU A 73 8.80 -7.06 7.21
C LEU A 73 9.93 -7.36 6.26
N ASP A 74 11.13 -6.88 6.57
CA ASP A 74 12.30 -7.15 5.75
C ASP A 74 12.67 -8.63 5.83
N HIS A 75 12.51 -9.22 7.01
CA HIS A 75 12.73 -10.64 7.20
C HIS A 75 11.64 -11.46 6.53
N LEU A 76 10.39 -11.04 6.74
CA LEU A 76 9.24 -11.72 6.18
C LEU A 76 9.26 -11.69 4.65
N LYS A 77 9.69 -10.56 4.10
CA LYS A 77 9.71 -10.34 2.65
C LYS A 77 10.61 -11.34 1.91
N LYS A 78 11.81 -11.56 2.44
CA LYS A 78 12.78 -12.44 1.79
C LYS A 78 12.29 -13.89 1.72
N ILE A 79 11.45 -14.27 2.67
CA ILE A 79 10.88 -15.61 2.71
C ILE A 79 9.72 -15.75 1.74
N LEU A 80 8.87 -14.72 1.68
CA LEU A 80 7.71 -14.72 0.80
C LEU A 80 8.11 -14.65 -0.67
N LYS A 81 9.32 -14.16 -0.93
CA LYS A 81 9.82 -14.04 -2.30
C LYS A 81 10.21 -15.41 -2.86
N ARG A 82 10.27 -16.40 -1.99
CA ARG A 82 10.58 -17.77 -2.41
C ARG A 82 9.38 -18.41 -3.13
N GLY A 83 8.21 -17.81 -2.97
CA GLY A 83 7.00 -18.33 -3.55
C GLY A 83 6.74 -17.85 -4.95
N LYS A 84 6.21 -18.73 -5.79
CA LYS A 84 5.89 -18.39 -7.18
C LYS A 84 4.48 -17.83 -7.28
N ALA A 85 4.07 -17.52 -8.51
CA ALA A 85 2.75 -16.94 -8.75
C ALA A 85 1.63 -17.94 -8.45
N LYS A 86 1.87 -19.20 -8.78
CA LYS A 86 0.86 -20.24 -8.59
C LYS A 86 1.01 -20.93 -7.24
N ASP A 87 2.01 -20.53 -6.47
CA ASP A 87 2.27 -21.12 -5.16
C ASP A 87 1.18 -20.78 -4.15
N THR A 88 1.01 -21.66 -3.17
CA THR A 88 0.05 -21.46 -2.09
C THR A 88 0.76 -21.03 -0.81
N LEU A 89 0.27 -19.97 -0.19
CA LEU A 89 0.86 -19.47 1.04
C LEU A 89 -0.01 -19.80 2.25
N ILE A 90 0.58 -20.45 3.24
CA ILE A 90 -0.12 -20.78 4.47
C ILE A 90 0.52 -20.10 5.67
N LEU A 91 -0.25 -19.25 6.34
CA LEU A 91 0.22 -18.58 7.55
C LEU A 91 -0.34 -19.27 8.78
N LYS A 92 0.50 -20.02 9.47
CA LYS A 92 0.06 -20.74 10.66
C LYS A 92 0.70 -20.19 11.93
N LYS A 93 -0.12 -20.06 12.98
CA LYS A 93 0.36 -19.61 14.28
C LYS A 93 -0.24 -20.44 15.41
N GLY A 94 0.63 -20.99 16.25
CA GLY A 94 0.22 -21.83 17.36
C GLY A 94 1.25 -21.96 18.46
N GLU A 95 2.52 -21.82 18.10
CA GLU A 95 3.62 -21.98 19.05
C GLU A 95 3.86 -20.71 19.88
N GLU A 96 2.77 -20.02 20.23
CA GLU A 96 2.82 -18.86 21.13
C GLU A 96 3.68 -17.70 20.62
N ASN A 97 4.97 -17.95 20.36
CA ASN A 97 5.87 -16.90 19.89
C ASN A 97 6.62 -17.26 18.61
N PHE A 98 5.97 -18.00 17.72
CA PHE A 98 6.57 -18.37 16.44
C PHE A 98 5.54 -18.41 15.33
N LEU A 99 5.90 -17.87 14.18
CA LEU A 99 5.01 -17.86 13.03
C LEU A 99 5.48 -18.87 11.97
N GLU A 100 4.59 -19.75 11.56
CA GLU A 100 4.91 -20.72 10.51
C GLU A 100 4.49 -20.19 9.14
N ILE A 101 5.48 -20.08 8.24
CA ILE A 101 5.23 -19.61 6.89
C ILE A 101 5.46 -20.74 5.90
N THR A 102 4.36 -21.27 5.35
CA THR A 102 4.44 -22.42 4.46
C THR A 102 4.18 -22.05 3.00
N ILE A 103 5.16 -22.32 2.15
CA ILE A 103 4.99 -22.15 0.71
C ILE A 103 4.70 -23.49 0.07
N GLN A 104 3.50 -23.65 -0.45
CA GLN A 104 3.05 -24.94 -0.98
C GLN A 104 2.80 -24.90 -2.48
N GLY A 105 3.65 -25.60 -3.23
CA GLY A 105 3.49 -25.73 -4.67
C GLY A 105 3.59 -27.19 -5.08
N THR A 106 4.73 -27.55 -5.67
CA THR A 106 5.00 -28.95 -5.98
C THR A 106 5.23 -29.71 -4.68
N ALA A 107 5.91 -29.06 -3.74
CA ALA A 107 6.16 -29.64 -2.42
C ALA A 107 5.70 -28.68 -1.32
N THR A 108 5.91 -29.08 -0.08
CA THR A 108 5.51 -28.24 1.06
C THR A 108 6.74 -27.78 1.84
N ARG A 109 7.00 -26.48 1.79
CA ARG A 109 8.17 -25.91 2.46
C ARG A 109 7.72 -24.99 3.60
N THR A 110 8.04 -25.37 4.83
CA THR A 110 7.58 -24.64 6.00
C THR A 110 8.69 -23.87 6.71
N PHE A 111 8.57 -22.56 6.77
CA PHE A 111 9.49 -21.72 7.50
C PHE A 111 9.02 -21.49 8.93
N ARG A 112 9.95 -21.26 9.84
CA ARG A 112 9.60 -20.99 11.23
C ARG A 112 10.29 -19.71 11.69
N VAL A 113 9.49 -18.67 11.91
CA VAL A 113 10.02 -17.34 12.21
C VAL A 113 9.63 -16.88 13.62
N PRO A 114 10.62 -16.38 14.38
CA PRO A 114 10.36 -15.82 15.71
C PRO A 114 9.63 -14.49 15.63
N LEU A 115 8.55 -14.36 16.40
CA LEU A 115 7.81 -13.10 16.45
C LEU A 115 8.52 -12.10 17.35
N ILE A 116 8.40 -10.82 17.01
CA ILE A 116 9.07 -9.78 17.78
C ILE A 116 8.08 -8.84 18.44
N ASP A 117 8.55 -8.07 19.41
CA ASP A 117 7.71 -7.12 20.13
C ASP A 117 7.71 -5.77 19.41
N VAL A 118 6.53 -5.33 18.99
CA VAL A 118 6.39 -4.08 18.26
C VAL A 118 5.43 -3.13 18.97
N GLU A 119 5.84 -1.89 19.15
CA GLU A 119 5.00 -0.88 19.78
C GLU A 119 3.89 -0.42 18.83
N GLU A 120 2.65 -0.67 19.20
CA GLU A 120 1.51 -0.29 18.38
C GLU A 120 1.12 1.17 18.62
N LEU A 128 -9.55 14.53 8.95
CA LEU A 128 -9.00 15.54 8.05
C LEU A 128 -10.07 16.08 7.10
N PRO A 129 -10.12 17.40 6.95
CA PRO A 129 -11.13 18.05 6.10
C PRO A 129 -10.65 18.21 4.66
N PHE A 130 -10.65 17.12 3.91
CA PHE A 130 -10.22 17.13 2.51
C PHE A 130 -11.18 17.95 1.65
N THR A 131 -10.61 18.86 0.86
CA THR A 131 -11.41 19.72 0.00
C THR A 131 -11.37 19.27 -1.46
N ALA A 132 -10.60 18.21 -1.73
CA ALA A 132 -10.46 17.70 -3.09
C ALA A 132 -10.36 16.19 -3.11
N LYS A 133 -11.17 15.56 -3.96
CA LYS A 133 -11.14 14.12 -4.12
C LYS A 133 -11.11 13.74 -5.60
N VAL A 134 -10.15 12.90 -5.97
CA VAL A 134 -10.04 12.41 -7.34
C VAL A 134 -9.85 10.91 -7.39
N VAL A 135 -10.37 10.27 -8.44
CA VAL A 135 -10.16 8.85 -8.67
C VAL A 135 -9.39 8.68 -9.98
N VAL A 136 -8.17 8.17 -9.88
CA VAL A 136 -7.29 8.08 -11.04
C VAL A 136 -6.79 6.66 -11.25
N LEU A 137 -6.46 6.32 -12.49
CA LEU A 137 -5.88 5.02 -12.81
C LEU A 137 -4.49 4.90 -12.19
N GLY A 138 -4.17 3.70 -11.71
CA GLY A 138 -2.88 3.44 -11.08
C GLY A 138 -1.71 3.69 -12.00
N GLU A 139 -1.92 3.46 -13.30
CA GLU A 139 -0.88 3.66 -14.30
C GLU A 139 -0.47 5.13 -14.39
N VAL A 140 -1.47 6.01 -14.50
CA VAL A 140 -1.24 7.44 -14.63
C VAL A 140 -0.50 7.99 -13.40
N LEU A 141 -0.94 7.58 -12.23
CA LEU A 141 -0.32 8.03 -10.99
C LEU A 141 1.12 7.52 -10.88
N LYS A 142 1.35 6.30 -11.33
CA LYS A 142 2.69 5.73 -11.28
C LYS A 142 3.64 6.45 -12.23
N ASP A 143 3.18 6.70 -13.44
CA ASP A 143 4.00 7.39 -14.43
C ASP A 143 4.30 8.83 -14.04
N ALA A 144 3.30 9.49 -13.47
CA ALA A 144 3.44 10.90 -13.08
C ALA A 144 4.49 11.07 -11.98
N VAL A 145 4.48 10.18 -11.00
CA VAL A 145 5.44 10.24 -9.90
C VAL A 145 6.86 10.00 -10.41
N LYS A 146 7.03 9.00 -11.27
CA LYS A 146 8.33 8.69 -11.85
C LYS A 146 8.83 9.84 -12.72
N ASP A 147 7.92 10.49 -13.43
CA ASP A 147 8.26 11.66 -14.23
C ASP A 147 8.77 12.79 -13.35
N ALA A 148 8.08 13.01 -12.24
CA ALA A 148 8.45 14.07 -11.29
C ALA A 148 9.79 13.78 -10.63
N SER A 149 10.10 12.48 -10.48
CA SER A 149 11.33 12.05 -9.83
C SER A 149 12.57 12.45 -10.63
N LEU A 150 12.39 12.65 -11.93
CA LEU A 150 13.48 13.00 -12.82
C LEU A 150 13.89 14.46 -12.68
N VAL A 151 12.93 15.31 -12.32
CA VAL A 151 13.16 16.74 -12.33
C VAL A 151 13.20 17.37 -10.94
N SER A 152 12.62 16.71 -9.94
CA SER A 152 12.53 17.30 -8.61
C SER A 152 12.32 16.26 -7.51
N ASP A 153 12.59 16.67 -6.28
CA ASP A 153 12.31 15.84 -5.11
C ASP A 153 10.94 16.21 -4.53
N SER A 154 10.28 17.16 -5.19
CA SER A 154 8.98 17.64 -4.74
C SER A 154 7.98 17.67 -5.88
N ILE A 155 6.77 17.18 -5.62
CA ILE A 155 5.71 17.17 -6.63
C ILE A 155 4.47 17.86 -6.08
N LYS A 156 3.89 18.74 -6.90
CA LYS A 156 2.75 19.55 -6.47
C LYS A 156 1.43 19.02 -7.01
N PHE A 157 0.44 18.91 -6.13
CA PHE A 157 -0.89 18.44 -6.52
C PHE A 157 -1.88 19.60 -6.61
N ILE A 158 -2.50 19.75 -7.78
CA ILE A 158 -3.47 20.82 -8.00
C ILE A 158 -4.81 20.26 -8.48
N ALA A 159 -5.88 20.63 -7.79
CA ALA A 159 -7.22 20.18 -8.16
C ALA A 159 -8.18 21.35 -8.31
N ARG A 160 -8.71 21.51 -9.52
CA ARG A 160 -9.71 22.54 -9.78
C ARG A 160 -11.09 21.92 -9.95
N GLU A 161 -12.04 22.70 -10.43
CA GLU A 161 -13.43 22.26 -10.57
C GLU A 161 -13.55 21.04 -11.48
N ASN A 162 -12.87 21.07 -12.62
CA ASN A 162 -12.98 19.99 -13.59
C ASN A 162 -11.63 19.55 -14.16
N GLU A 163 -10.55 19.80 -13.41
CA GLU A 163 -9.23 19.37 -13.83
C GLU A 163 -8.33 19.02 -12.65
N PHE A 164 -7.48 18.01 -12.85
CA PHE A 164 -6.53 17.60 -11.83
C PHE A 164 -5.10 17.66 -12.38
N ILE A 165 -4.25 18.43 -11.72
CA ILE A 165 -2.90 18.67 -12.22
C ILE A 165 -1.82 18.23 -11.24
N LYS A 167 2.19 18.63 -10.91
CA LYS A 167 3.28 19.42 -11.49
C LYS A 167 4.53 19.39 -10.63
N ALA A 168 5.68 19.31 -11.28
CA ALA A 168 6.96 19.33 -10.58
C ALA A 168 8.01 20.09 -11.39
N GLU A 169 8.73 20.99 -10.73
CA GLU A 169 9.80 21.73 -11.37
C GLU A 169 11.07 21.67 -10.54
N GLY A 170 12.21 21.65 -11.21
CA GLY A 170 13.50 21.60 -10.53
C GLY A 170 14.30 22.87 -10.73
N GLU A 171 15.61 22.72 -10.88
CA GLU A 171 16.49 23.86 -11.08
C GLU A 171 16.57 24.26 -12.55
N THR A 172 16.42 23.28 -13.43
CA THR A 172 16.57 23.54 -14.86
C THR A 172 15.35 23.11 -15.67
N GLN A 173 14.72 22.01 -15.28
CA GLN A 173 13.62 21.45 -16.05
C GLN A 173 12.31 21.32 -15.27
N GLU A 174 11.26 20.90 -15.96
CA GLU A 174 9.91 20.88 -15.42
C GLU A 174 9.03 19.83 -16.11
N VAL A 175 8.15 19.19 -15.34
CA VAL A 175 7.20 18.25 -15.90
C VAL A 175 5.78 18.56 -15.38
N GLU A 176 4.79 18.42 -16.24
CA GLU A 176 3.41 18.69 -15.85
C GLU A 176 2.45 17.66 -16.44
N ILE A 177 1.53 17.19 -15.61
CA ILE A 177 0.53 16.20 -16.04
C ILE A 177 -0.88 16.70 -15.72
N LYS A 178 -1.63 17.05 -16.75
CA LYS A 178 -2.98 17.56 -16.56
C LYS A 178 -4.05 16.53 -16.92
N LEU A 179 -5.04 16.38 -16.03
CA LEU A 179 -6.16 15.48 -16.27
C LEU A 179 -7.47 16.26 -16.15
N THR A 180 -8.34 16.12 -17.15
CA THR A 180 -9.55 16.92 -17.21
C THR A 180 -10.84 16.10 -17.30
N LEU A 181 -10.90 15.01 -16.56
CA LEU A 181 -12.09 14.16 -16.45
C LEU A 181 -12.51 13.50 -17.77
N GLU A 182 -12.38 14.22 -18.88
CA GLU A 182 -12.68 13.67 -20.19
C GLU A 182 -11.57 12.75 -20.67
N ASP A 183 -10.52 12.63 -19.85
CA ASP A 183 -9.41 11.76 -20.16
C ASP A 183 -9.64 10.35 -19.60
N GLU A 184 -8.85 9.39 -20.07
CA GLU A 184 -8.97 8.01 -19.63
C GLU A 184 -8.44 7.83 -18.21
N GLY A 185 -7.44 8.62 -17.86
CA GLY A 185 -6.79 8.52 -16.56
C GLY A 185 -7.67 8.93 -15.39
N LEU A 186 -8.43 10.00 -15.57
CA LEU A 186 -9.29 10.50 -14.51
C LEU A 186 -10.69 9.93 -14.61
N LEU A 187 -11.13 9.25 -13.55
CA LEU A 187 -12.43 8.59 -13.54
C LEU A 187 -13.48 9.41 -12.79
N ASP A 188 -13.03 10.15 -11.78
CA ASP A 188 -13.93 10.96 -10.97
C ASP A 188 -13.18 12.12 -10.31
N ILE A 189 -13.88 13.24 -10.15
CA ILE A 189 -13.27 14.39 -9.49
C ILE A 189 -14.32 15.21 -8.73
N GLU A 190 -14.13 15.33 -7.42
CA GLU A 190 -15.02 16.09 -6.56
C GLU A 190 -14.24 17.17 -5.82
N VAL A 191 -14.33 18.40 -6.29
CA VAL A 191 -13.55 19.49 -5.72
C VAL A 191 -14.44 20.64 -5.25
N GLN A 192 -14.31 20.99 -3.97
CA GLN A 192 -15.10 22.07 -3.39
C GLN A 192 -14.46 23.42 -3.69
N GLU A 193 -13.28 23.65 -3.13
CA GLU A 193 -12.50 24.85 -3.43
C GLU A 193 -11.20 24.47 -4.13
N GLU A 194 -10.57 25.44 -4.78
CA GLU A 194 -9.28 25.22 -5.43
C GLU A 194 -8.26 24.72 -4.42
N THR A 195 -7.62 23.60 -4.73
CA THR A 195 -6.76 22.93 -3.77
C THR A 195 -5.33 22.73 -4.28
N LYS A 196 -4.37 23.25 -3.53
CA LYS A 196 -2.95 23.10 -3.87
C LYS A 196 -2.17 22.50 -2.70
N SER A 197 -1.28 21.57 -3.00
CA SER A 197 -0.43 20.96 -1.98
C SER A 197 0.77 20.26 -2.61
N ALA A 198 1.88 20.23 -1.89
CA ALA A 198 3.11 19.61 -2.39
C ALA A 198 3.56 18.47 -1.49
N TYR A 199 4.16 17.43 -2.08
CA TYR A 199 4.58 16.26 -1.32
C TYR A 199 5.95 15.77 -1.81
N GLY A 200 6.60 14.96 -0.98
CA GLY A 200 7.89 14.39 -1.33
C GLY A 200 7.77 13.27 -2.34
N VAL A 201 8.51 13.39 -3.44
CA VAL A 201 8.47 12.41 -4.51
C VAL A 201 8.99 11.04 -4.06
N SER A 202 10.03 11.07 -3.25
CA SER A 202 10.65 9.84 -2.75
C SER A 202 9.64 8.96 -2.01
N TYR A 203 8.78 9.58 -1.22
CA TYR A 203 7.73 8.85 -0.50
C TYR A 203 6.69 8.32 -1.47
N LEU A 204 6.18 9.19 -2.33
CA LEU A 204 5.17 8.81 -3.32
C LEU A 204 5.69 7.70 -4.24
N SER A 205 6.99 7.66 -4.46
CA SER A 205 7.59 6.64 -5.29
C SER A 205 7.42 5.24 -4.70
N ASP A 206 7.55 5.14 -3.38
CA ASP A 206 7.47 3.87 -2.68
C ASP A 206 6.03 3.36 -2.56
N VAL A 208 3.62 4.01 -4.54
CA VAL A 208 2.99 3.90 -5.85
C VAL A 208 3.41 2.60 -6.53
N LYS A 209 4.42 1.94 -5.97
CA LYS A 209 4.88 0.66 -6.50
C LYS A 209 3.87 -0.45 -6.23
N GLY A 210 3.82 -1.43 -7.13
CA GLY A 210 2.89 -2.53 -6.99
C GLY A 210 1.54 -2.23 -7.62
N LEU A 211 1.34 -0.96 -7.97
CA LEU A 211 0.09 -0.55 -8.60
C LEU A 211 -0.08 -1.17 -9.98
N GLY A 212 -1.28 -1.67 -10.26
CA GLY A 212 -1.60 -2.21 -11.55
C GLY A 212 -2.01 -1.10 -12.50
N LYS A 213 -2.17 -1.44 -13.78
CA LYS A 213 -2.56 -0.47 -14.78
C LYS A 213 -4.07 -0.23 -14.75
N ALA A 214 -4.79 -1.16 -14.14
CA ALA A 214 -6.25 -1.08 -14.09
C ALA A 214 -6.76 -0.71 -12.71
N ASP A 215 -5.84 -0.55 -11.76
CA ASP A 215 -6.21 -0.20 -10.39
C ASP A 215 -6.78 1.21 -10.30
N GLU A 216 -7.88 1.34 -9.55
CA GLU A 216 -8.48 2.64 -9.31
C GLU A 216 -7.97 3.21 -7.99
N VAL A 217 -7.33 4.37 -8.06
CA VAL A 217 -6.76 4.99 -6.87
C VAL A 217 -7.53 6.26 -6.49
N THR A 218 -7.99 6.30 -5.25
CA THR A 218 -8.73 7.46 -4.74
C THR A 218 -7.80 8.36 -3.93
N ILE A 219 -7.69 9.61 -4.33
CA ILE A 219 -6.82 10.57 -3.66
C ILE A 219 -7.61 11.71 -3.03
N LYS A 220 -7.40 11.92 -1.74
CA LYS A 220 -8.01 13.04 -1.02
C LYS A 220 -6.92 13.93 -0.43
N PHE A 221 -7.04 15.24 -0.64
CA PHE A 221 -6.06 16.18 -0.10
C PHE A 221 -6.63 17.59 0.01
N GLY A 222 -5.92 18.45 0.73
CA GLY A 222 -6.34 19.82 0.94
C GLY A 222 -5.19 20.80 0.84
N ASN A 223 -5.49 22.09 1.01
CA ASN A 223 -4.47 23.13 0.98
C ASN A 223 -3.51 23.04 2.16
N GLU A 224 -2.22 22.86 1.87
CA GLU A 224 -1.20 22.67 2.90
C GLU A 224 -1.62 21.56 3.85
N PRO A 226 -2.13 17.09 4.51
CA PRO A 226 -1.73 15.73 4.12
C PRO A 226 -2.71 15.08 3.14
N GLN A 228 -4.50 11.60 1.35
CA GLN A 228 -4.85 10.21 1.59
C GLN A 228 -4.94 9.45 0.26
N GLU A 230 -5.64 5.74 -1.52
CA GLU A 230 -6.27 4.45 -1.24
C GLU A 230 -6.62 3.69 -2.51
N TYR A 231 -6.25 2.41 -2.53
CA TYR A 231 -6.67 1.49 -3.58
C TYR A 231 -6.85 0.11 -2.98
N TYR A 232 -7.36 -0.83 -3.76
CA TYR A 232 -7.72 -2.14 -3.22
C TYR A 232 -6.86 -3.28 -3.75
N ILE A 233 -6.52 -4.20 -2.85
CA ILE A 233 -5.80 -5.41 -3.20
C ILE A 233 -6.80 -6.54 -3.45
N ARG A 234 -6.89 -6.99 -4.70
CA ARG A 234 -7.87 -7.99 -5.11
C ARG A 234 -9.29 -7.55 -4.76
N ASP A 235 -9.59 -6.29 -5.01
CA ASP A 235 -10.94 -5.72 -4.93
C ASP A 235 -11.55 -5.68 -3.53
N GLU A 236 -10.94 -6.34 -2.56
CA GLU A 236 -11.49 -6.39 -1.21
C GLU A 236 -10.48 -5.94 -0.16
N GLY A 237 -9.21 -6.21 -0.41
CA GLY A 237 -8.14 -5.81 0.51
C GLY A 237 -7.79 -4.35 0.37
N ARG A 238 -8.10 -3.57 1.40
CA ARG A 238 -7.88 -2.12 1.35
C ARG A 238 -6.49 -1.71 1.81
N LEU A 239 -5.83 -0.87 1.01
CA LEU A 239 -4.53 -0.32 1.36
C LEU A 239 -4.59 1.21 1.33
N THR A 240 -4.39 1.82 2.49
CA THR A 240 -4.53 3.27 2.62
C THR A 240 -3.26 3.94 3.14
N PHE A 241 -2.80 4.95 2.41
CA PHE A 241 -1.65 5.74 2.85
C PHE A 241 -2.08 7.14 3.28
N LEU A 242 -1.43 7.66 4.30
CA LEU A 242 -1.63 9.04 4.72
C LEU A 242 -0.31 9.79 4.68
N LEU A 243 -0.12 10.58 3.64
CA LEU A 243 1.15 11.26 3.40
C LEU A 243 1.13 12.73 3.81
N ALA A 244 2.05 13.11 4.69
CA ALA A 244 2.16 14.49 5.14
C ALA A 244 2.67 15.39 4.02
N PRO A 245 2.26 16.67 4.03
CA PRO A 245 2.69 17.60 2.98
C PRO A 245 4.14 18.03 3.14
N ARG A 246 4.77 18.47 2.05
CA ARG A 246 6.17 18.88 2.06
C ARG A 246 6.37 20.15 2.89
N VAL A 247 7.44 20.17 3.67
CA VAL A 247 7.77 21.32 4.51
C VAL A 247 8.44 22.42 3.69
#